data_4TXP
#
_entry.id   4TXP
#
_cell.length_a   76.381
_cell.length_b   76.381
_cell.length_c   355.938
_cell.angle_alpha   90.00
_cell.angle_beta   90.00
_cell.angle_gamma   120.00
#
_symmetry.space_group_name_H-M   'P 65 2 2'
#
loop_
_entity.id
_entity.type
_entity.pdbx_description
1 polymer 'Vacuolar protein sorting-associated protein VTA1 homolog'
2 water water
#
_entity_poly.entity_id   1
_entity_poly.type   'polypeptide(L)'
_entity_poly.pdbx_seq_one_letter_code
;SMAALAPLPPLPAQFKSIQHHLRTAQEHDKRDPVVAYYCRLYAMQTGMKIDSKTPECRKFLSKLMDQLEALKKQLGDNEA
ITQEIVGCAHLENYALKMFLYADNEDRAGRFHKNMIKSFYTASLLIDVITVFGELTDENVKHRKYARWKATYIHNCLKNG
ETP
;
_entity_poly.pdbx_strand_id   A,B,C
#
# COMPACT_ATOMS: atom_id res chain seq x y z
N ALA A 4 27.55 -22.18 11.96
CA ALA A 4 27.27 -22.13 10.53
C ALA A 4 27.23 -20.66 10.03
N LEU A 5 26.75 -19.76 10.91
CA LEU A 5 26.59 -18.32 10.65
C LEU A 5 27.20 -17.54 11.82
N ALA A 6 28.00 -16.52 11.49
CA ALA A 6 28.69 -15.62 12.41
C ALA A 6 27.72 -14.84 13.32
N PRO A 7 28.15 -14.40 14.55
CA PRO A 7 27.21 -13.76 15.49
C PRO A 7 26.52 -12.49 15.08
N LEU A 8 26.97 -11.77 14.03
CA LEU A 8 26.34 -10.49 13.61
C LEU A 8 26.62 -9.37 14.63
N PRO A 9 27.01 -8.16 14.17
CA PRO A 9 27.32 -7.08 15.11
C PRO A 9 26.10 -6.59 15.89
N PRO A 10 26.25 -5.73 16.93
CA PRO A 10 25.05 -5.19 17.59
C PRO A 10 24.21 -4.34 16.62
N LEU A 11 22.92 -4.26 16.88
CA LEU A 11 22.00 -3.55 16.01
C LEU A 11 22.10 -2.04 16.14
N PRO A 12 22.38 -1.32 15.03
CA PRO A 12 22.43 0.15 15.10
C PRO A 12 21.08 0.73 15.51
N ALA A 13 21.09 1.88 16.20
CA ALA A 13 19.87 2.57 16.67
C ALA A 13 18.92 2.93 15.51
N GLN A 14 19.51 3.19 14.34
CA GLN A 14 18.87 3.53 13.06
C GLN A 14 18.05 2.33 12.56
N PHE A 15 18.40 1.12 13.02
CA PHE A 15 17.77 -0.12 12.61
C PHE A 15 16.83 -0.74 13.65
N LYS A 16 16.31 0.03 14.61
CA LYS A 16 15.40 -0.50 15.65
C LYS A 16 14.13 -1.16 15.05
N SER A 17 13.60 -0.55 13.96
CA SER A 17 12.43 -1.00 13.19
C SER A 17 12.57 -2.42 12.64
N ILE A 18 13.79 -2.85 12.25
CA ILE A 18 14.06 -4.18 11.71
C ILE A 18 14.51 -5.21 12.78
N GLN A 19 14.46 -4.85 14.07
CA GLN A 19 14.95 -5.72 15.15
C GLN A 19 14.22 -7.05 15.31
N HIS A 20 12.87 -7.03 15.38
CA HIS A 20 12.06 -8.22 15.60
C HIS A 20 12.08 -9.19 14.43
N HIS A 21 12.24 -8.67 13.20
CA HIS A 21 12.34 -9.47 11.99
C HIS A 21 13.60 -10.31 12.06
N LEU A 22 14.70 -9.72 12.56
CA LEU A 22 15.96 -10.42 12.73
C LEU A 22 15.86 -11.45 13.85
N ARG A 23 15.09 -11.14 14.92
CA ARG A 23 14.86 -12.08 16.04
C ARG A 23 14.01 -13.28 15.52
N THR A 24 13.03 -13.02 14.63
CA THR A 24 12.22 -14.03 13.99
C THR A 24 13.10 -14.94 13.13
N ALA A 25 14.10 -14.34 12.41
CA ALA A 25 15.04 -15.06 11.56
C ALA A 25 15.87 -16.00 12.45
N GLN A 26 16.43 -15.46 13.54
CA GLN A 26 17.23 -16.23 14.49
C GLN A 26 16.40 -17.39 15.09
N GLU A 27 15.13 -17.12 15.47
CA GLU A 27 14.20 -18.11 16.02
C GLU A 27 13.78 -19.21 15.03
N HIS A 28 13.93 -18.96 13.73
CA HIS A 28 13.55 -19.93 12.68
C HIS A 28 14.74 -20.62 11.98
N ASP A 29 15.98 -20.36 12.44
CA ASP A 29 17.19 -20.92 11.86
C ASP A 29 17.19 -22.45 11.86
N LYS A 30 16.69 -23.06 12.94
CA LYS A 30 16.59 -24.51 13.10
C LYS A 30 15.29 -25.03 12.46
N ARG A 31 14.10 -24.45 12.82
CA ARG A 31 12.81 -24.86 12.26
C ARG A 31 12.54 -24.58 10.74
N ASP A 32 11.96 -23.45 10.31
CA ASP A 32 11.75 -23.21 8.86
C ASP A 32 12.87 -22.24 8.41
N PRO A 33 14.01 -22.77 7.88
CA PRO A 33 15.11 -21.85 7.46
C PRO A 33 14.81 -21.01 6.22
N VAL A 34 13.71 -21.33 5.50
CA VAL A 34 13.26 -20.54 4.35
C VAL A 34 12.72 -19.18 4.94
N VAL A 35 12.01 -19.29 6.10
CA VAL A 35 11.49 -18.16 6.87
C VAL A 35 12.69 -17.30 7.28
N ALA A 36 13.73 -17.96 7.88
CA ALA A 36 14.95 -17.30 8.33
C ALA A 36 15.66 -16.55 7.17
N TYR A 37 15.68 -17.13 5.96
CA TYR A 37 16.27 -16.51 4.78
C TYR A 37 15.57 -15.21 4.41
N TYR A 38 14.27 -15.30 4.11
CA TYR A 38 13.44 -14.17 3.74
C TYR A 38 13.31 -13.10 4.81
N CYS A 39 13.26 -13.49 6.12
CA CYS A 39 13.22 -12.54 7.24
C CYS A 39 14.46 -11.65 7.18
N ARG A 40 15.60 -12.29 6.95
CA ARG A 40 16.89 -11.62 6.84
C ARG A 40 16.96 -10.75 5.59
N LEU A 41 16.46 -11.27 4.45
CA LEU A 41 16.43 -10.55 3.18
C LEU A 41 15.63 -9.26 3.30
N TYR A 42 14.47 -9.31 3.98
CA TYR A 42 13.60 -8.17 4.21
C TYR A 42 14.33 -7.16 5.05
N ALA A 43 14.94 -7.61 6.18
CA ALA A 43 15.68 -6.75 7.11
C ALA A 43 16.79 -6.02 6.37
N MET A 44 17.52 -6.76 5.50
CA MET A 44 18.61 -6.31 4.63
C MET A 44 18.14 -5.14 3.77
N GLN A 45 17.16 -5.37 2.89
CA GLN A 45 16.57 -4.37 1.99
C GLN A 45 16.01 -3.18 2.75
N THR A 46 15.33 -3.44 3.89
CA THR A 46 14.75 -2.40 4.74
C THR A 46 15.82 -1.48 5.30
N GLY A 47 16.84 -2.06 5.94
CA GLY A 47 17.97 -1.36 6.57
C GLY A 47 18.75 -0.51 5.59
N MET A 48 18.98 -1.06 4.37
CA MET A 48 19.64 -0.40 3.23
C MET A 48 18.93 0.91 2.90
N LYS A 49 17.57 0.90 2.93
CA LYS A 49 16.75 2.08 2.66
C LYS A 49 16.82 3.10 3.81
N ILE A 50 16.97 2.62 5.08
CA ILE A 50 17.05 3.49 6.26
C ILE A 50 18.37 4.27 6.21
N ASP A 51 19.53 3.59 6.40
CA ASP A 51 20.87 4.17 6.35
C ASP A 51 21.90 3.16 5.85
N SER A 52 22.50 3.42 4.70
CA SER A 52 23.60 2.59 4.19
C SER A 52 24.86 3.45 3.97
N LYS A 53 24.93 4.64 4.63
CA LYS A 53 26.06 5.58 4.58
C LYS A 53 26.89 5.45 5.85
N THR A 54 26.23 5.46 7.02
CA THR A 54 26.84 5.39 8.35
C THR A 54 27.68 4.15 8.49
N PRO A 55 29.00 4.32 8.79
CA PRO A 55 29.89 3.16 8.95
C PRO A 55 29.35 2.00 9.81
N GLU A 56 28.69 2.32 10.98
CA GLU A 56 28.08 1.31 11.89
C GLU A 56 27.02 0.45 11.14
N CYS A 57 26.10 1.15 10.44
CA CYS A 57 25.06 0.59 9.59
C CYS A 57 25.67 -0.19 8.44
N ARG A 58 26.59 0.45 7.69
CA ARG A 58 27.29 -0.15 6.54
C ARG A 58 27.88 -1.52 6.90
N LYS A 59 28.62 -1.59 8.04
CA LYS A 59 29.27 -2.81 8.52
C LYS A 59 28.25 -3.90 8.88
N PHE A 60 27.12 -3.49 9.51
CA PHE A 60 26.03 -4.40 9.90
C PHE A 60 25.43 -5.06 8.67
N LEU A 61 24.93 -4.26 7.74
CA LEU A 61 24.33 -4.69 6.49
C LEU A 61 25.22 -5.67 5.71
N SER A 62 26.56 -5.47 5.68
CA SER A 62 27.49 -6.34 4.97
C SER A 62 27.63 -7.72 5.63
N LYS A 63 27.69 -7.75 6.98
CA LYS A 63 27.74 -8.99 7.73
C LYS A 63 26.40 -9.77 7.58
N LEU A 64 25.26 -9.02 7.52
CA LEU A 64 23.93 -9.60 7.28
C LEU A 64 23.86 -10.15 5.84
N MET A 65 24.51 -9.44 4.89
CA MET A 65 24.62 -9.84 3.48
C MET A 65 25.42 -11.14 3.37
N ASP A 66 26.42 -11.32 4.25
CA ASP A 66 27.25 -12.52 4.33
C ASP A 66 26.40 -13.72 4.76
N GLN A 67 25.61 -13.56 5.84
CA GLN A 67 24.69 -14.58 6.35
C GLN A 67 23.70 -15.00 5.26
N LEU A 68 23.23 -14.02 4.45
CA LEU A 68 22.30 -14.29 3.36
C LEU A 68 22.91 -15.20 2.30
N GLU A 69 24.15 -14.89 1.86
CA GLU A 69 24.89 -15.68 0.87
C GLU A 69 25.08 -17.13 1.39
N ALA A 70 25.47 -17.25 2.68
CA ALA A 70 25.69 -18.50 3.39
C ALA A 70 24.43 -19.35 3.40
N LEU A 71 23.28 -18.77 3.85
CA LEU A 71 21.98 -19.44 3.95
C LEU A 71 21.48 -19.83 2.58
N LYS A 72 21.66 -18.95 1.55
CA LYS A 72 21.23 -19.23 0.19
C LYS A 72 21.92 -20.48 -0.34
N LYS A 73 23.24 -20.61 -0.07
CA LYS A 73 24.03 -21.75 -0.48
C LYS A 73 23.60 -22.97 0.33
N GLN A 74 23.44 -22.82 1.66
CA GLN A 74 23.02 -23.88 2.58
C GLN A 74 21.66 -24.47 2.20
N LEU A 75 20.89 -23.75 1.37
CA LEU A 75 19.57 -24.15 0.87
C LEU A 75 19.67 -24.27 -0.64
N GLY A 76 20.64 -25.03 -1.09
CA GLY A 76 20.89 -25.19 -2.51
C GLY A 76 19.73 -25.65 -3.37
N ASP A 77 18.77 -24.74 -3.67
CA ASP A 77 17.61 -24.93 -4.55
C ASP A 77 16.86 -26.27 -4.35
N ASN A 78 15.83 -26.39 -3.48
CA ASN A 78 14.99 -25.50 -2.64
C ASN A 78 14.08 -24.56 -3.41
N GLU A 79 12.92 -25.10 -3.82
CA GLU A 79 11.87 -24.41 -4.60
C GLU A 79 11.40 -23.09 -3.99
N ALA A 80 11.50 -22.95 -2.66
CA ALA A 80 11.08 -21.72 -1.98
C ALA A 80 12.07 -20.58 -2.18
N ILE A 81 13.37 -20.91 -2.38
CA ILE A 81 14.46 -19.95 -2.66
C ILE A 81 14.58 -19.79 -4.17
N THR A 82 14.43 -20.90 -4.91
CA THR A 82 14.52 -20.99 -6.36
C THR A 82 13.42 -20.19 -7.01
N GLN A 83 12.16 -20.39 -6.56
CA GLN A 83 10.97 -19.75 -7.11
C GLN A 83 10.31 -18.85 -6.07
N GLU A 84 10.24 -17.55 -6.38
CA GLU A 84 9.66 -16.52 -5.53
C GLU A 84 8.14 -16.74 -5.29
N ILE A 85 7.41 -17.38 -6.25
CA ILE A 85 5.96 -17.64 -6.05
C ILE A 85 5.76 -18.65 -4.90
N VAL A 86 6.62 -19.66 -4.84
CA VAL A 86 6.66 -20.73 -3.84
C VAL A 86 7.04 -20.15 -2.47
N GLY A 87 8.15 -19.40 -2.41
CA GLY A 87 8.64 -18.75 -1.20
C GLY A 87 7.58 -17.88 -0.59
N CYS A 88 6.94 -17.03 -1.42
CA CYS A 88 5.88 -16.17 -0.97
C CYS A 88 4.74 -16.97 -0.32
N ALA A 89 4.19 -17.97 -1.07
CA ALA A 89 3.16 -18.90 -0.64
C ALA A 89 3.55 -19.57 0.69
N HIS A 90 4.78 -20.09 0.80
CA HIS A 90 5.25 -20.70 2.04
C HIS A 90 5.14 -19.72 3.21
N LEU A 91 5.83 -18.57 3.14
CA LEU A 91 5.80 -17.53 4.17
C LEU A 91 4.38 -16.97 4.46
N GLU A 92 3.55 -16.78 3.41
CA GLU A 92 2.17 -16.30 3.53
C GLU A 92 1.26 -17.31 4.24
N ASN A 93 1.32 -18.61 3.86
CA ASN A 93 0.47 -19.63 4.49
C ASN A 93 0.87 -19.80 5.93
N TYR A 94 2.17 -19.70 6.21
CA TYR A 94 2.71 -19.80 7.56
C TYR A 94 2.11 -18.68 8.44
N ALA A 95 2.29 -17.41 8.02
CA ALA A 95 1.79 -16.22 8.71
C ALA A 95 0.27 -16.30 8.94
N LEU A 96 -0.47 -16.74 7.92
CA LEU A 96 -1.91 -16.79 7.99
C LEU A 96 -2.47 -17.93 8.87
N LYS A 97 -1.70 -19.03 8.96
CA LYS A 97 -2.05 -20.15 9.82
C LYS A 97 -1.89 -19.64 11.24
N MET A 98 -0.77 -18.98 11.51
CA MET A 98 -0.42 -18.38 12.78
C MET A 98 -1.47 -17.37 13.21
N PHE A 99 -1.94 -16.50 12.27
CA PHE A 99 -2.98 -15.51 12.53
C PHE A 99 -4.25 -16.24 12.98
N LEU A 100 -4.73 -17.22 12.16
CA LEU A 100 -5.93 -18.03 12.47
C LEU A 100 -5.88 -18.59 13.88
N TYR A 101 -4.70 -19.14 14.27
CA TYR A 101 -4.49 -19.68 15.60
C TYR A 101 -4.73 -18.64 16.66
N ALA A 102 -3.97 -17.53 16.60
CA ALA A 102 -4.02 -16.45 17.59
C ALA A 102 -5.41 -15.81 17.64
N ASP A 103 -6.10 -15.69 16.48
CA ASP A 103 -7.44 -15.14 16.43
C ASP A 103 -8.45 -16.05 17.16
N ASN A 104 -8.28 -17.38 17.00
CA ASN A 104 -9.12 -18.36 17.66
C ASN A 104 -8.96 -18.27 19.21
N GLU A 105 -7.72 -18.09 19.68
CA GLU A 105 -7.41 -17.95 21.09
C GLU A 105 -8.12 -16.73 21.65
N ASP A 106 -8.04 -15.59 20.92
CA ASP A 106 -8.63 -14.30 21.25
C ASP A 106 -10.13 -14.45 21.39
N ARG A 107 -10.79 -15.02 20.36
CA ARG A 107 -12.24 -15.27 20.33
C ARG A 107 -12.68 -16.22 21.45
N ALA A 108 -11.77 -17.10 21.91
CA ALA A 108 -12.02 -18.05 22.99
C ALA A 108 -11.64 -17.47 24.34
N GLY A 109 -11.16 -16.23 24.36
CA GLY A 109 -10.77 -15.53 25.60
C GLY A 109 -9.55 -16.10 26.30
N ARG A 110 -8.76 -16.90 25.56
CA ARG A 110 -7.54 -17.47 26.12
C ARG A 110 -6.41 -16.48 25.80
N PHE A 111 -5.99 -15.69 26.79
CA PHE A 111 -4.92 -14.69 26.59
C PHE A 111 -3.64 -15.11 27.24
N HIS A 112 -2.62 -15.36 26.41
CA HIS A 112 -1.32 -15.88 26.84
C HIS A 112 -0.17 -15.37 25.96
N LYS A 113 1.08 -15.57 26.41
CA LYS A 113 2.28 -15.14 25.69
C LYS A 113 2.38 -15.73 24.29
N ASN A 114 1.93 -16.98 24.12
CA ASN A 114 2.01 -17.67 22.83
C ASN A 114 1.07 -17.08 21.79
N MET A 115 -0.15 -16.72 22.19
CA MET A 115 -1.10 -16.11 21.24
C MET A 115 -0.70 -14.67 20.91
N ILE A 116 -0.04 -13.98 21.87
CA ILE A 116 0.47 -12.64 21.71
C ILE A 116 1.59 -12.70 20.68
N LYS A 117 2.59 -13.62 20.88
CA LYS A 117 3.71 -13.85 19.96
C LYS A 117 3.21 -14.23 18.56
N SER A 118 2.20 -15.11 18.49
CA SER A 118 1.61 -15.55 17.22
C SER A 118 0.97 -14.39 16.46
N PHE A 119 0.31 -13.46 17.16
CA PHE A 119 -0.25 -12.29 16.50
C PHE A 119 0.92 -11.44 15.97
N TYR A 120 1.88 -11.13 16.88
CA TYR A 120 3.04 -10.34 16.55
C TYR A 120 3.88 -10.87 15.41
N THR A 121 4.28 -12.16 15.47
CA THR A 121 5.06 -12.84 14.44
C THR A 121 4.31 -12.82 13.10
N ALA A 122 2.99 -13.12 13.11
CA ALA A 122 2.23 -13.08 11.87
C ALA A 122 2.30 -11.71 11.17
N SER A 123 2.16 -10.61 11.94
CA SER A 123 2.26 -9.23 11.40
C SER A 123 3.65 -8.99 10.82
N LEU A 124 4.70 -9.43 11.53
CA LEU A 124 6.09 -9.32 11.07
C LEU A 124 6.28 -10.10 9.76
N LEU A 125 5.66 -11.27 9.64
CA LEU A 125 5.77 -12.08 8.44
C LEU A 125 5.09 -11.44 7.24
N ILE A 126 4.02 -10.67 7.46
CA ILE A 126 3.32 -9.96 6.40
C ILE A 126 4.23 -8.85 5.84
N ASP A 127 5.00 -8.18 6.75
CA ASP A 127 5.98 -7.17 6.37
C ASP A 127 6.98 -7.84 5.42
N VAL A 128 7.50 -9.03 5.80
CA VAL A 128 8.48 -9.81 5.04
C VAL A 128 8.02 -10.07 3.61
N ILE A 129 6.80 -10.57 3.43
CA ILE A 129 6.12 -10.89 2.16
C ILE A 129 6.20 -9.73 1.14
N THR A 130 6.42 -8.46 1.60
CA THR A 130 6.52 -7.29 0.72
C THR A 130 7.71 -7.40 -0.26
N VAL A 131 8.76 -8.19 0.11
CA VAL A 131 9.92 -8.45 -0.76
C VAL A 131 9.47 -8.99 -2.12
N PHE A 132 8.37 -9.77 -2.14
CA PHE A 132 7.85 -10.38 -3.35
C PHE A 132 6.94 -9.45 -4.16
N GLY A 133 6.38 -8.43 -3.51
CA GLY A 133 5.45 -7.52 -4.19
C GLY A 133 4.45 -6.85 -3.28
N GLU A 134 3.47 -6.15 -3.89
CA GLU A 134 2.43 -5.42 -3.17
C GLU A 134 1.54 -6.36 -2.37
N LEU A 135 1.10 -5.91 -1.19
CA LEU A 135 0.24 -6.73 -0.36
C LEU A 135 -1.20 -6.66 -0.82
N THR A 136 -2.00 -7.67 -0.45
CA THR A 136 -3.42 -7.65 -0.75
C THR A 136 -4.10 -6.87 0.36
N ASP A 137 -5.36 -6.43 0.12
CA ASP A 137 -6.09 -5.67 1.11
C ASP A 137 -6.30 -6.50 2.39
N GLU A 138 -6.52 -7.81 2.17
CA GLU A 138 -6.70 -8.80 3.23
C GLU A 138 -5.42 -8.91 4.05
N ASN A 139 -4.25 -8.90 3.38
CA ASN A 139 -2.94 -8.97 4.05
C ASN A 139 -2.68 -7.73 4.92
N VAL A 140 -3.03 -6.54 4.40
CA VAL A 140 -2.86 -5.27 5.09
C VAL A 140 -3.72 -5.22 6.34
N LYS A 141 -5.01 -5.65 6.20
CA LYS A 141 -6.02 -5.73 7.27
C LYS A 141 -5.53 -6.65 8.42
N HIS A 142 -5.05 -7.86 8.06
CA HIS A 142 -4.53 -8.85 9.00
C HIS A 142 -3.34 -8.32 9.75
N ARG A 143 -2.35 -7.72 9.05
CA ARG A 143 -1.16 -7.15 9.69
C ARG A 143 -1.55 -6.09 10.71
N LYS A 144 -2.51 -5.20 10.34
CA LYS A 144 -2.99 -4.10 11.18
C LYS A 144 -3.66 -4.64 12.47
N TYR A 145 -4.55 -5.64 12.30
CA TYR A 145 -5.31 -6.30 13.37
C TYR A 145 -4.37 -7.07 14.31
N ALA A 146 -3.46 -7.88 13.73
CA ALA A 146 -2.51 -8.70 14.46
C ALA A 146 -1.61 -7.86 15.36
N ARG A 147 -1.11 -6.73 14.82
CA ARG A 147 -0.21 -5.85 15.56
C ARG A 147 -0.95 -5.10 16.64
N TRP A 148 -2.22 -4.74 16.37
CA TRP A 148 -3.08 -4.03 17.32
C TRP A 148 -3.39 -4.96 18.51
N LYS A 149 -3.91 -6.18 18.21
CA LYS A 149 -4.27 -7.19 19.20
C LYS A 149 -3.09 -7.55 20.08
N ALA A 150 -1.94 -7.85 19.48
CA ALA A 150 -0.73 -8.20 20.22
C ALA A 150 -0.34 -7.15 21.23
N THR A 151 -0.39 -5.85 20.84
CA THR A 151 -0.03 -4.68 21.67
C THR A 151 -0.98 -4.51 22.83
N TYR A 152 -2.28 -4.46 22.53
CA TYR A 152 -3.37 -4.33 23.48
C TYR A 152 -3.31 -5.43 24.54
N ILE A 153 -3.31 -6.72 24.11
CA ILE A 153 -3.25 -7.89 24.99
C ILE A 153 -1.96 -7.87 25.83
N HIS A 154 -0.84 -7.43 25.26
CA HIS A 154 0.44 -7.38 25.99
C HIS A 154 0.37 -6.40 27.17
N ASN A 155 -0.33 -5.27 26.98
CA ASN A 155 -0.54 -4.26 28.02
C ASN A 155 -1.58 -4.72 29.06
N CYS A 156 -2.73 -5.30 28.61
CA CYS A 156 -3.80 -5.85 29.44
C CYS A 156 -3.29 -7.02 30.34
N LEU A 157 -2.13 -7.63 29.93
CA LEU A 157 -1.46 -8.71 30.67
C LEU A 157 -0.27 -8.25 31.52
N LYS A 158 0.29 -7.04 31.26
CA LYS A 158 1.41 -6.48 32.02
C LYS A 158 0.92 -5.56 33.14
N ASN A 159 0.05 -4.56 32.79
CA ASN A 159 -0.56 -3.58 33.71
C ASN A 159 -1.57 -4.21 34.66
N ALA B 4 -15.31 -22.30 -17.33
CA ALA B 4 -16.29 -21.37 -16.76
C ALA B 4 -16.66 -20.28 -17.76
N LEU B 5 -15.72 -19.89 -18.65
CA LEU B 5 -15.89 -18.86 -19.67
C LEU B 5 -15.41 -19.37 -21.03
N ALA B 6 -16.24 -19.14 -22.05
CA ALA B 6 -15.99 -19.53 -23.45
C ALA B 6 -14.76 -18.81 -24.06
N PRO B 7 -14.09 -19.35 -25.11
CA PRO B 7 -12.93 -18.65 -25.68
C PRO B 7 -13.27 -17.37 -26.45
N PRO B 9 -12.86 -15.43 -29.18
CA PRO B 9 -12.21 -15.54 -30.49
C PRO B 9 -10.81 -14.91 -30.50
N PRO B 10 -10.01 -15.08 -31.59
CA PRO B 10 -8.71 -14.41 -31.62
C PRO B 10 -8.92 -12.88 -31.71
N LEU B 11 -7.93 -12.15 -31.18
CA LEU B 11 -8.00 -10.71 -31.12
C LEU B 11 -7.82 -10.05 -32.48
N PRO B 12 -8.80 -9.20 -32.91
CA PRO B 12 -8.64 -8.47 -34.18
C PRO B 12 -7.44 -7.53 -34.10
N ALA B 13 -6.74 -7.31 -35.25
CA ALA B 13 -5.57 -6.42 -35.35
C ALA B 13 -5.88 -4.98 -34.90
N GLN B 14 -7.16 -4.55 -35.10
CA GLN B 14 -7.75 -3.26 -34.73
C GLN B 14 -7.78 -3.11 -33.19
N PHE B 15 -7.73 -4.25 -32.48
CA PHE B 15 -7.81 -4.29 -31.03
C PHE B 15 -6.49 -4.61 -30.34
N LYS B 16 -5.32 -4.38 -31.00
CA LYS B 16 -4.00 -4.65 -30.39
C LYS B 16 -3.78 -3.84 -29.09
N SER B 17 -4.29 -2.58 -29.06
CA SER B 17 -4.23 -1.63 -27.94
C SER B 17 -4.86 -2.17 -26.66
N ILE B 18 -5.96 -2.97 -26.78
CA ILE B 18 -6.66 -3.56 -25.63
C ILE B 18 -6.17 -4.96 -25.26
N GLN B 19 -5.08 -5.44 -25.90
CA GLN B 19 -4.54 -6.79 -25.67
C GLN B 19 -4.09 -7.05 -24.24
N HIS B 20 -3.24 -6.16 -23.68
CA HIS B 20 -2.66 -6.29 -22.34
C HIS B 20 -3.67 -6.24 -21.22
N HIS B 21 -4.73 -5.45 -21.41
CA HIS B 21 -5.82 -5.34 -20.46
C HIS B 21 -6.55 -6.68 -20.36
N LEU B 22 -6.76 -7.34 -21.52
CA LEU B 22 -7.39 -8.66 -21.56
C LEU B 22 -6.45 -9.72 -20.96
N ARG B 23 -5.11 -9.57 -21.15
CA ARG B 23 -4.13 -10.49 -20.57
C ARG B 23 -4.14 -10.33 -19.04
N THR B 24 -4.30 -9.07 -18.55
CA THR B 24 -4.40 -8.76 -17.13
C THR B 24 -5.66 -9.42 -16.56
N ALA B 25 -6.77 -9.39 -17.33
CA ALA B 25 -8.05 -10.01 -16.97
C ALA B 25 -7.85 -11.51 -16.84
N GLN B 26 -7.24 -12.15 -17.85
CA GLN B 26 -6.95 -13.58 -17.83
C GLN B 26 -6.04 -13.98 -16.65
N GLU B 27 -5.00 -13.14 -16.36
CA GLU B 27 -4.08 -13.36 -15.24
C GLU B 27 -4.74 -13.17 -13.84
N HIS B 28 -5.90 -12.49 -13.78
CA HIS B 28 -6.61 -12.26 -12.51
C HIS B 28 -7.89 -13.10 -12.34
N ASP B 29 -8.20 -14.00 -13.29
CA ASP B 29 -9.40 -14.85 -13.27
C ASP B 29 -9.52 -15.70 -12.01
N LYS B 30 -8.39 -16.24 -11.52
CA LYS B 30 -8.35 -17.04 -10.31
C LYS B 30 -8.18 -16.14 -9.08
N ARG B 31 -7.18 -15.23 -9.06
CA ARG B 31 -6.93 -14.28 -7.94
C ARG B 31 -7.57 -12.90 -8.29
N ASP B 32 -8.40 -12.30 -7.45
CA ASP B 32 -9.08 -11.02 -7.79
C ASP B 32 -9.92 -11.01 -9.11
N PRO B 33 -11.03 -11.78 -9.13
CA PRO B 33 -11.91 -11.79 -10.32
C PRO B 33 -12.71 -10.50 -10.51
N VAL B 34 -12.69 -9.60 -9.51
CA VAL B 34 -13.30 -8.27 -9.61
C VAL B 34 -12.43 -7.50 -10.63
N VAL B 35 -11.08 -7.65 -10.50
CA VAL B 35 -10.07 -7.05 -11.38
C VAL B 35 -10.34 -7.56 -12.78
N ALA B 36 -10.49 -8.89 -12.93
CA ALA B 36 -10.79 -9.56 -14.22
C ALA B 36 -12.07 -9.04 -14.87
N TYR B 37 -13.12 -8.77 -14.06
CA TYR B 37 -14.39 -8.24 -14.56
C TYR B 37 -14.20 -6.86 -15.18
N TYR B 38 -13.71 -5.91 -14.37
CA TYR B 38 -13.45 -4.54 -14.79
C TYR B 38 -12.41 -4.38 -15.90
N CYS B 39 -11.36 -5.22 -15.91
CA CYS B 39 -10.36 -5.23 -16.99
C CYS B 39 -11.07 -5.53 -18.31
N ARG B 40 -11.97 -6.52 -18.30
CA ARG B 40 -12.75 -6.92 -19.46
C ARG B 40 -13.76 -5.85 -19.84
N LEU B 41 -14.40 -5.23 -18.85
CA LEU B 41 -15.37 -4.14 -19.08
C LEU B 41 -14.72 -2.95 -19.78
N TYR B 42 -13.50 -2.59 -19.35
CA TYR B 42 -12.71 -1.52 -19.93
C TYR B 42 -12.38 -1.87 -21.38
N ALA B 43 -11.86 -3.10 -21.63
CA ALA B 43 -11.51 -3.61 -22.97
C ALA B 43 -12.71 -3.51 -23.91
N MET B 44 -13.89 -3.92 -23.41
CA MET B 44 -15.19 -3.89 -24.06
C MET B 44 -15.49 -2.48 -24.57
N GLN B 45 -15.62 -1.52 -23.64
CA GLN B 45 -15.89 -0.10 -23.93
C GLN B 45 -14.83 0.52 -24.86
N THR B 46 -13.55 0.20 -24.62
CA THR B 46 -12.44 0.67 -25.45
C THR B 46 -12.55 0.18 -26.90
N GLY B 47 -12.71 -1.14 -27.08
CA GLY B 47 -12.85 -1.79 -28.39
C GLY B 47 -14.00 -1.27 -29.21
N MET B 48 -15.15 -1.04 -28.53
CA MET B 48 -16.38 -0.48 -29.08
C MET B 48 -16.08 0.88 -29.73
N LYS B 49 -15.24 1.70 -29.07
CA LYS B 49 -14.81 3.02 -29.55
C LYS B 49 -13.85 2.91 -30.75
N ILE B 50 -13.00 1.87 -30.78
CA ILE B 50 -12.05 1.62 -31.87
C ILE B 50 -12.82 1.28 -33.16
N ASP B 51 -13.44 0.06 -33.21
CA ASP B 51 -14.23 -0.42 -34.34
C ASP B 51 -15.32 -1.38 -33.86
N SER B 52 -16.60 -0.98 -34.05
CA SER B 52 -17.75 -1.81 -33.78
C SER B 52 -18.60 -2.01 -35.09
N LYS B 53 -17.95 -1.76 -36.25
CA LYS B 53 -18.55 -1.89 -37.59
C LYS B 53 -18.07 -3.17 -38.25
N THR B 54 -16.74 -3.39 -38.25
CA THR B 54 -16.07 -4.54 -38.84
C THR B 54 -16.62 -5.86 -38.26
N PRO B 55 -17.15 -6.75 -39.14
CA PRO B 55 -17.68 -8.04 -38.67
C PRO B 55 -16.79 -8.81 -37.67
N GLU B 56 -15.46 -8.87 -37.92
CA GLU B 56 -14.47 -9.55 -37.05
C GLU B 56 -14.52 -8.96 -35.62
N CYS B 57 -14.47 -7.61 -35.54
CA CYS B 57 -14.53 -6.81 -34.32
C CYS B 57 -15.91 -6.99 -33.66
N ARG B 58 -17.00 -6.80 -34.44
CA ARG B 58 -18.39 -6.95 -33.97
C ARG B 58 -18.60 -8.28 -33.24
N LYS B 59 -18.15 -9.40 -33.85
CA LYS B 59 -18.26 -10.75 -33.29
C LYS B 59 -17.45 -10.90 -32.00
N PHE B 60 -16.22 -10.33 -31.95
CA PHE B 60 -15.33 -10.36 -30.79
C PHE B 60 -16.00 -9.67 -29.60
N LEU B 61 -16.40 -8.41 -29.78
CA LEU B 61 -17.07 -7.62 -28.76
C LEU B 61 -18.29 -8.32 -28.15
N SER B 62 -19.10 -9.03 -28.96
CA SER B 62 -20.29 -9.75 -28.49
C SER B 62 -19.94 -10.95 -27.62
N LYS B 63 -18.90 -11.72 -28.01
CA LYS B 63 -18.44 -12.85 -27.21
C LYS B 63 -17.80 -12.34 -25.89
N LEU B 64 -17.14 -11.15 -25.94
CA LEU B 64 -16.57 -10.49 -24.75
C LEU B 64 -17.71 -10.03 -23.85
N MET B 65 -18.80 -9.54 -24.46
CA MET B 65 -20.01 -9.10 -23.78
C MET B 65 -20.67 -10.29 -23.05
N ASP B 66 -20.59 -11.50 -23.66
CA ASP B 66 -21.10 -12.76 -23.10
C ASP B 66 -20.30 -13.13 -21.84
N GLN B 67 -18.93 -13.08 -21.92
CA GLN B 67 -18.05 -13.35 -20.78
C GLN B 67 -18.36 -12.40 -19.62
N LEU B 68 -18.66 -11.13 -19.94
CA LEU B 68 -18.99 -10.13 -18.95
C LEU B 68 -20.24 -10.49 -18.18
N GLU B 69 -21.33 -10.86 -18.90
CA GLU B 69 -22.62 -11.29 -18.32
C GLU B 69 -22.40 -12.50 -17.40
N ALA B 70 -21.60 -13.50 -17.88
CA ALA B 70 -21.24 -14.72 -17.17
C ALA B 70 -20.52 -14.43 -15.85
N LEU B 71 -19.46 -13.57 -15.89
CA LEU B 71 -18.66 -13.16 -14.72
C LEU B 71 -19.52 -12.35 -13.74
N LYS B 72 -20.36 -11.44 -14.28
CA LYS B 72 -21.23 -10.61 -13.45
C LYS B 72 -22.18 -11.49 -12.62
N LYS B 73 -22.73 -12.54 -13.25
CA LYS B 73 -23.62 -13.49 -12.59
C LYS B 73 -22.82 -14.32 -11.59
N GLN B 74 -21.62 -14.83 -12.01
CA GLN B 74 -20.71 -15.62 -11.18
C GLN B 74 -20.28 -14.88 -9.91
N LEU B 75 -20.45 -13.54 -9.87
CA LEU B 75 -20.14 -12.66 -8.75
C LEU B 75 -21.46 -12.03 -8.32
N ASN B 78 -21.82 -9.41 -4.58
CA ASN B 78 -20.52 -8.71 -4.52
C ASN B 78 -20.52 -7.17 -4.59
N GLU B 79 -20.22 -6.51 -3.45
CA GLU B 79 -20.16 -5.06 -3.29
C GLU B 79 -19.26 -4.31 -4.29
N ALA B 80 -18.23 -4.99 -4.83
CA ALA B 80 -17.31 -4.38 -5.81
C ALA B 80 -17.97 -4.26 -7.18
N ILE B 81 -18.92 -5.16 -7.50
CA ILE B 81 -19.69 -5.16 -8.77
C ILE B 81 -20.99 -4.36 -8.53
N THR B 82 -21.59 -4.51 -7.34
CA THR B 82 -22.83 -3.85 -6.90
C THR B 82 -22.64 -2.35 -6.80
N GLN B 83 -21.54 -1.92 -6.14
CA GLN B 83 -21.22 -0.51 -5.93
C GLN B 83 -19.92 -0.15 -6.63
N GLU B 84 -20.03 0.78 -7.60
CA GLU B 84 -18.92 1.28 -8.38
C GLU B 84 -17.86 1.98 -7.52
N ILE B 85 -18.25 2.59 -6.37
CA ILE B 85 -17.30 3.28 -5.49
C ILE B 85 -16.32 2.27 -4.88
N VAL B 86 -16.85 1.08 -4.50
CA VAL B 86 -16.12 -0.04 -3.92
C VAL B 86 -15.16 -0.66 -4.96
N GLY B 87 -15.70 -0.99 -6.13
CA GLY B 87 -14.95 -1.55 -7.24
C GLY B 87 -13.77 -0.66 -7.61
N CYS B 88 -14.05 0.64 -7.78
CA CYS B 88 -13.02 1.64 -8.08
C CYS B 88 -11.92 1.64 -7.03
N ALA B 89 -12.28 1.80 -5.75
CA ALA B 89 -11.38 1.79 -4.62
C ALA B 89 -10.52 0.53 -4.62
N HIS B 90 -11.15 -0.65 -4.82
CA HIS B 90 -10.43 -1.90 -4.88
C HIS B 90 -9.32 -1.83 -5.96
N LEU B 91 -9.72 -1.63 -7.25
CA LEU B 91 -8.79 -1.53 -8.37
C LEU B 91 -7.77 -0.41 -8.23
N GLU B 92 -8.15 0.77 -7.70
CA GLU B 92 -7.27 1.93 -7.48
C GLU B 92 -6.21 1.64 -6.40
N ASN B 93 -6.62 1.09 -5.26
CA ASN B 93 -5.66 0.80 -4.20
C ASN B 93 -4.70 -0.28 -4.65
N TYR B 94 -5.19 -1.23 -5.44
CA TYR B 94 -4.39 -2.31 -5.99
C TYR B 94 -3.29 -1.74 -6.87
N ALA B 95 -3.69 -0.95 -7.90
CA ALA B 95 -2.77 -0.29 -8.84
C ALA B 95 -1.72 0.60 -8.13
N LEU B 96 -2.15 1.34 -7.12
CA LEU B 96 -1.29 2.25 -6.39
C LEU B 96 -0.30 1.54 -5.48
N LYS B 97 -0.74 0.42 -4.90
CA LYS B 97 0.12 -0.40 -4.05
C LYS B 97 1.19 -1.00 -4.95
N MET B 98 0.78 -1.53 -6.11
CA MET B 98 1.66 -2.08 -7.12
C MET B 98 2.70 -1.04 -7.59
N PHE B 99 2.26 0.20 -7.83
CA PHE B 99 3.12 1.31 -8.22
C PHE B 99 4.17 1.54 -7.12
N LEU B 100 3.71 1.72 -5.87
CA LEU B 100 4.60 1.95 -4.73
C LEU B 100 5.68 0.88 -4.64
N TYR B 101 5.31 -0.41 -4.84
CA TYR B 101 6.22 -1.53 -4.83
C TYR B 101 7.30 -1.34 -5.87
N ALA B 102 6.90 -1.20 -7.16
CA ALA B 102 7.80 -1.06 -8.29
C ALA B 102 8.66 0.19 -8.16
N ASP B 103 8.11 1.29 -7.62
CA ASP B 103 8.86 2.52 -7.42
C ASP B 103 9.94 2.34 -6.36
N ASN B 104 9.64 1.58 -5.31
CA ASN B 104 10.58 1.30 -4.24
C ASN B 104 11.79 0.48 -4.78
N GLU B 105 11.50 -0.48 -5.65
CA GLU B 105 12.51 -1.31 -6.30
C GLU B 105 13.43 -0.44 -7.12
N ASP B 106 12.84 0.47 -7.92
CA ASP B 106 13.51 1.43 -8.81
C ASP B 106 14.44 2.33 -7.99
N ARG B 107 13.91 2.96 -6.92
CA ARG B 107 14.67 3.83 -6.03
C ARG B 107 15.78 3.09 -5.34
N ALA B 108 15.65 1.77 -5.19
CA ALA B 108 16.64 0.91 -4.54
C ALA B 108 17.60 0.31 -5.55
N GLY B 109 17.39 0.63 -6.82
CA GLY B 109 18.23 0.14 -7.93
C GLY B 109 18.09 -1.35 -8.20
N ARG B 110 17.01 -1.96 -7.71
CA ARG B 110 16.77 -3.38 -7.95
C ARG B 110 15.95 -3.49 -9.23
N PHE B 111 16.60 -3.84 -10.34
CA PHE B 111 15.89 -3.94 -11.64
C PHE B 111 15.70 -5.37 -12.05
N HIS B 112 14.42 -5.77 -12.18
CA HIS B 112 14.02 -7.13 -12.49
C HIS B 112 12.70 -7.19 -13.25
N LYS B 113 12.37 -8.37 -13.82
CA LYS B 113 11.14 -8.59 -14.59
C LYS B 113 9.85 -8.29 -13.79
N ASN B 114 9.88 -8.58 -12.49
CA ASN B 114 8.72 -8.37 -11.64
C ASN B 114 8.42 -6.91 -11.40
N MET B 115 9.46 -6.08 -11.19
CA MET B 115 9.21 -4.66 -10.98
C MET B 115 8.82 -3.96 -12.28
N ILE B 116 9.30 -4.50 -13.42
CA ILE B 116 8.96 -4.01 -14.76
C ILE B 116 7.47 -4.29 -15.00
N LYS B 117 7.02 -5.55 -14.75
CA LYS B 117 5.62 -5.98 -14.91
C LYS B 117 4.71 -5.16 -13.96
N SER B 118 5.16 -4.93 -12.70
CA SER B 118 4.43 -4.16 -11.71
C SER B 118 4.22 -2.72 -12.15
N PHE B 119 5.23 -2.11 -12.80
CA PHE B 119 5.06 -0.76 -13.33
C PHE B 119 4.03 -0.82 -14.46
N TYR B 120 4.23 -1.73 -15.44
CA TYR B 120 3.34 -1.90 -16.57
C TYR B 120 1.88 -2.19 -16.20
N THR B 121 1.66 -3.21 -15.34
CA THR B 121 0.34 -3.58 -14.87
C THR B 121 -0.33 -2.40 -14.15
N ALA B 122 0.39 -1.69 -13.26
CA ALA B 122 -0.20 -0.55 -12.57
C ALA B 122 -0.72 0.49 -13.56
N SER B 123 0.06 0.83 -14.63
CA SER B 123 -0.36 1.79 -15.66
C SER B 123 -1.63 1.31 -16.35
N LEU B 124 -1.69 -0.01 -16.69
CA LEU B 124 -2.85 -0.63 -17.32
C LEU B 124 -4.07 -0.54 -16.41
N LEU B 125 -3.87 -0.72 -15.09
CA LEU B 125 -4.95 -0.65 -14.13
C LEU B 125 -5.51 0.77 -13.99
N ILE B 126 -4.67 1.80 -14.20
CA ILE B 126 -5.10 3.20 -14.15
C ILE B 126 -6.02 3.48 -15.33
N ASP B 127 -5.71 2.89 -16.50
CA ASP B 127 -6.54 2.98 -17.71
C ASP B 127 -7.92 2.43 -17.34
N VAL B 128 -7.96 1.23 -16.72
CA VAL B 128 -9.17 0.52 -16.32
C VAL B 128 -10.10 1.41 -15.49
N ILE B 129 -9.57 2.02 -14.43
CA ILE B 129 -10.23 2.93 -13.48
C ILE B 129 -11.05 4.03 -14.18
N THR B 130 -10.75 4.36 -15.46
CA THR B 130 -11.50 5.37 -16.23
C THR B 130 -12.97 5.02 -16.40
N VAL B 131 -13.31 3.69 -16.36
CA VAL B 131 -14.69 3.20 -16.44
C VAL B 131 -15.58 3.84 -15.37
N PHE B 132 -14.99 4.17 -14.20
CA PHE B 132 -15.68 4.77 -13.06
C PHE B 132 -15.79 6.27 -13.13
N GLY B 133 -14.93 6.89 -13.92
CA GLY B 133 -14.93 8.34 -14.06
C GLY B 133 -13.58 8.96 -14.32
N GLU B 134 -13.50 10.27 -14.03
CA GLU B 134 -12.31 11.12 -14.21
C GLU B 134 -11.15 10.65 -13.34
N LEU B 135 -9.93 10.64 -13.93
CA LEU B 135 -8.73 10.31 -13.19
C LEU B 135 -8.25 11.57 -12.49
N THR B 136 -7.48 11.39 -11.43
CA THR B 136 -6.90 12.51 -10.68
C THR B 136 -5.60 12.88 -11.41
N ASP B 137 -5.05 14.07 -11.14
CA ASP B 137 -3.78 14.49 -11.75
C ASP B 137 -2.65 13.52 -11.29
N GLU B 138 -2.74 13.06 -10.03
CA GLU B 138 -1.83 12.09 -9.43
C GLU B 138 -1.92 10.75 -10.20
N ASN B 139 -3.16 10.32 -10.55
CA ASN B 139 -3.39 9.08 -11.30
C ASN B 139 -2.77 9.16 -12.70
N VAL B 140 -2.93 10.31 -13.36
CA VAL B 140 -2.40 10.55 -14.72
C VAL B 140 -0.87 10.53 -14.70
N LYS B 141 -0.28 11.23 -13.70
CA LYS B 141 1.17 11.31 -13.49
C LYS B 141 1.79 9.91 -13.27
N HIS B 142 1.16 9.08 -12.38
CA HIS B 142 1.57 7.72 -12.08
C HIS B 142 1.53 6.84 -13.31
N ARG B 143 0.43 6.89 -14.08
CA ARG B 143 0.29 6.09 -15.29
C ARG B 143 1.41 6.42 -16.29
N LYS B 144 1.69 7.73 -16.48
CA LYS B 144 2.72 8.22 -17.39
C LYS B 144 4.15 7.73 -16.96
N TYR B 145 4.45 7.85 -15.67
CA TYR B 145 5.72 7.47 -15.03
C TYR B 145 5.92 5.96 -15.09
N ALA B 146 4.88 5.20 -14.71
CA ALA B 146 4.89 3.74 -14.68
C ALA B 146 5.17 3.15 -16.05
N ARG B 147 4.52 3.70 -17.10
CA ARG B 147 4.69 3.22 -18.48
C ARG B 147 6.06 3.59 -19.03
N TRP B 148 6.55 4.77 -18.63
CA TRP B 148 7.87 5.26 -19.03
C TRP B 148 8.96 4.37 -18.40
N LYS B 149 8.91 4.20 -17.07
CA LYS B 149 9.87 3.41 -16.30
C LYS B 149 9.93 1.98 -16.79
N ALA B 150 8.77 1.32 -16.97
CA ALA B 150 8.69 -0.06 -17.46
C ALA B 150 9.44 -0.24 -18.78
N THR B 151 9.26 0.69 -19.73
CA THR B 151 9.87 0.69 -21.06
C THR B 151 11.39 0.86 -20.99
N TYR B 152 11.82 1.95 -20.32
CA TYR B 152 13.21 2.31 -20.07
C TYR B 152 13.98 1.14 -19.41
N ILE B 153 13.47 0.63 -18.27
CA ILE B 153 14.08 -0.49 -17.53
C ILE B 153 14.16 -1.74 -18.39
N HIS B 154 13.14 -2.00 -19.23
CA HIS B 154 13.14 -3.17 -20.10
C HIS B 154 14.30 -3.09 -21.13
N ASN B 155 14.62 -1.88 -21.60
CA ASN B 155 15.73 -1.62 -22.52
C ASN B 155 17.10 -1.70 -21.78
N CYS B 156 17.24 -1.03 -20.56
CA CYS B 156 18.43 -1.01 -19.66
C CYS B 156 18.83 -2.46 -19.32
N LEU B 157 17.83 -3.41 -19.36
CA LEU B 157 17.99 -4.83 -19.06
C LEU B 157 18.18 -5.75 -20.27
N LYS B 158 17.79 -5.28 -21.48
CA LYS B 158 17.92 -6.06 -22.73
C LYS B 158 19.21 -5.71 -23.47
N ASN B 159 19.45 -4.39 -23.71
CA ASN B 159 20.65 -3.85 -24.37
C ASN B 159 21.93 -4.04 -23.54
N ALA C 3 10.40 25.52 23.17
CA ALA C 3 10.59 25.30 21.73
C ALA C 3 9.32 25.61 20.88
N ALA C 4 8.16 25.88 21.55
CA ALA C 4 6.88 26.22 20.92
C ALA C 4 6.94 27.51 20.11
N ALA C 6 7.92 28.24 16.75
CA ALA C 6 8.93 28.12 15.70
C ALA C 6 8.40 28.63 14.31
N PRO C 7 9.30 29.09 13.40
CA PRO C 7 8.81 29.60 12.10
C PRO C 7 8.33 28.50 11.14
N PRO C 9 9.48 28.35 7.96
CA PRO C 9 9.75 29.25 6.83
C PRO C 9 8.60 29.26 5.81
N PRO C 10 8.62 30.13 4.77
CA PRO C 10 7.55 30.08 3.76
C PRO C 10 7.62 28.77 2.98
N LEU C 11 6.46 28.32 2.48
CA LEU C 11 6.34 27.07 1.76
C LEU C 11 6.92 27.12 0.35
N PRO C 12 7.91 26.24 0.03
CA PRO C 12 8.46 26.22 -1.34
C PRO C 12 7.37 25.83 -2.34
N ALA C 13 7.48 26.33 -3.59
CA ALA C 13 6.53 26.05 -4.69
C ALA C 13 6.42 24.55 -4.99
N GLN C 14 7.52 23.82 -4.77
CA GLN C 14 7.67 22.37 -4.93
C GLN C 14 6.81 21.61 -3.89
N PHE C 15 6.43 22.30 -2.80
CA PHE C 15 5.66 21.73 -1.72
C PHE C 15 4.19 22.21 -1.66
N LYS C 16 3.62 22.71 -2.78
CA LYS C 16 2.23 23.20 -2.79
C LYS C 16 1.21 22.11 -2.40
N SER C 17 1.48 20.86 -2.85
CA SER C 17 0.69 19.65 -2.60
C SER C 17 0.50 19.33 -1.11
N ILE C 18 1.53 19.62 -0.29
CA ILE C 18 1.52 19.38 1.16
C ILE C 18 1.01 20.57 1.99
N GLN C 19 0.48 21.63 1.34
CA GLN C 19 0.00 22.83 2.03
C GLN C 19 -1.12 22.61 3.05
N HIS C 20 -2.19 21.91 2.66
CA HIS C 20 -3.37 21.67 3.52
C HIS C 20 -3.08 20.81 4.73
N HIS C 21 -2.17 19.85 4.57
CA HIS C 21 -1.71 18.96 5.63
C HIS C 21 -1.01 19.77 6.73
N LEU C 22 -0.19 20.75 6.31
CA LEU C 22 0.48 21.66 7.24
C LEU C 22 -0.52 22.60 7.91
N ARG C 23 -1.59 23.01 7.18
CA ARG C 23 -2.66 23.86 7.74
C ARG C 23 -3.44 23.05 8.79
N THR C 24 -3.64 21.73 8.52
CA THR C 24 -4.31 20.80 9.44
C THR C 24 -3.46 20.65 10.70
N ALA C 25 -2.11 20.58 10.54
CA ALA C 25 -1.17 20.48 11.65
C ALA C 25 -1.28 21.73 12.51
N GLN C 26 -1.22 22.94 11.88
CA GLN C 26 -1.35 24.22 12.57
C GLN C 26 -2.69 24.31 13.32
N GLU C 27 -3.79 23.88 12.67
CA GLU C 27 -5.13 23.89 13.26
C GLU C 27 -5.32 22.90 14.43
N HIS C 28 -4.42 21.90 14.56
CA HIS C 28 -4.49 20.89 15.61
C HIS C 28 -3.42 21.04 16.71
N ASP C 29 -2.57 22.08 16.63
CA ASP C 29 -1.50 22.33 17.60
C ASP C 29 -1.98 22.43 19.04
N LYS C 30 -3.14 23.11 19.24
CA LYS C 30 -3.79 23.26 20.53
C LYS C 30 -4.68 22.04 20.85
N ARG C 31 -5.61 21.69 19.94
CA ARG C 31 -6.50 20.53 20.12
C ARG C 31 -5.91 19.29 19.47
N PRO C 33 -2.68 17.37 19.47
CA PRO C 33 -1.29 17.59 19.05
C PRO C 33 -0.58 16.36 18.51
N VAL C 34 -1.17 15.16 18.70
CA VAL C 34 -0.63 13.92 18.14
C VAL C 34 -0.90 14.01 16.60
N VAL C 35 -2.11 14.55 16.24
CA VAL C 35 -2.57 14.82 14.88
C VAL C 35 -1.56 15.80 14.27
N ALA C 36 -1.25 16.90 14.97
CA ALA C 36 -0.29 17.92 14.53
C ALA C 36 1.09 17.32 14.26
N TYR C 37 1.54 16.35 15.10
CA TYR C 37 2.84 15.68 14.93
C TYR C 37 2.89 14.90 13.63
N TYR C 38 1.96 13.95 13.47
CA TYR C 38 1.84 13.10 12.29
C TYR C 38 1.52 13.85 10.99
N CYS C 39 0.70 14.92 11.05
CA CYS C 39 0.41 15.75 9.89
C CYS C 39 1.71 16.34 9.36
N ARG C 40 2.55 16.83 10.29
CA ARG C 40 3.84 17.41 9.97
C ARG C 40 4.81 16.35 9.46
N LEU C 41 4.80 15.16 10.09
CA LEU C 41 5.66 14.03 9.71
C LEU C 41 5.37 13.60 8.27
N TYR C 42 4.07 13.54 7.90
CA TYR C 42 3.61 13.19 6.55
C TYR C 42 4.13 14.22 5.57
N ALA C 43 3.92 15.53 5.87
CA ALA C 43 4.36 16.64 5.02
C ALA C 43 5.88 16.55 4.75
N MET C 44 6.63 16.29 5.84
CA MET C 44 8.08 16.10 5.89
C MET C 44 8.51 15.01 4.89
N GLN C 45 8.04 13.77 5.10
CA GLN C 45 8.34 12.63 4.24
C GLN C 45 7.90 12.84 2.80
N THR C 46 6.72 13.46 2.59
CA THR C 46 6.21 13.77 1.26
C THR C 46 7.13 14.72 0.51
N GLY C 47 7.45 15.85 1.15
CA GLY C 47 8.34 16.89 0.61
C GLY C 47 9.73 16.39 0.26
N MET C 48 10.30 15.53 1.14
CA MET C 48 11.59 14.87 0.98
C MET C 48 11.63 14.08 -0.32
N LYS C 49 10.52 13.38 -0.65
CA LYS C 49 10.36 12.60 -1.87
C LYS C 49 10.25 13.50 -3.12
N ILE C 50 9.60 14.69 -2.97
CA ILE C 50 9.43 15.66 -4.06
C ILE C 50 10.80 16.26 -4.45
N ASP C 51 11.40 17.09 -3.57
CA ASP C 51 12.72 17.72 -3.74
C ASP C 51 13.41 17.95 -2.40
N GLU C 56 16.14 25.88 -0.73
CA GLU C 56 14.90 26.38 -0.14
C GLU C 56 14.12 25.25 0.56
N CYS C 57 13.97 24.10 -0.16
CA CYS C 57 13.32 22.88 0.30
C CYS C 57 14.11 22.29 1.49
N ARG C 58 15.45 22.12 1.30
CA ARG C 58 16.37 21.59 2.32
C ARG C 58 16.21 22.30 3.66
N LYS C 59 16.20 23.66 3.64
CA LYS C 59 16.06 24.50 4.83
C LYS C 59 14.70 24.32 5.50
N PHE C 60 13.61 24.22 4.68
CA PHE C 60 12.24 24.02 5.15
C PHE C 60 12.13 22.71 5.93
N LEU C 61 12.51 21.60 5.28
CA LEU C 61 12.49 20.26 5.86
C LEU C 61 13.23 20.17 7.20
N SER C 62 14.40 20.86 7.34
CA SER C 62 15.19 20.84 8.58
C SER C 62 14.50 21.57 9.72
N LYS C 63 13.88 22.73 9.44
CA LYS C 63 13.12 23.50 10.43
C LYS C 63 11.86 22.69 10.85
N LEU C 64 11.25 21.97 9.89
CA LEU C 64 10.08 21.10 10.15
C LEU C 64 10.53 19.91 11.00
N MET C 65 11.76 19.40 10.73
CA MET C 65 12.38 18.30 11.48
C MET C 65 12.62 18.73 12.93
N ASP C 66 12.97 20.03 13.14
CA ASP C 66 13.19 20.62 14.46
C ASP C 66 11.88 20.64 15.25
N GLN C 67 10.77 21.12 14.62
CA GLN C 67 9.44 21.15 15.23
C GLN C 67 8.99 19.75 15.63
N LEU C 68 9.34 18.74 14.80
CA LEU C 68 8.98 17.34 15.07
C LEU C 68 9.66 16.84 16.33
N GLU C 69 10.98 17.09 16.48
CA GLU C 69 11.77 16.70 17.66
C GLU C 69 11.18 17.36 18.92
N ALA C 70 10.85 18.67 18.82
CA ALA C 70 10.25 19.49 19.87
C ALA C 70 8.91 18.92 20.34
N LEU C 71 7.98 18.63 19.39
CA LEU C 71 6.65 18.08 19.63
C LEU C 71 6.74 16.67 20.22
N LYS C 72 7.68 15.84 19.71
CA LYS C 72 7.90 14.48 20.20
C LYS C 72 8.29 14.50 21.67
N LYS C 73 9.16 15.45 22.06
CA LYS C 73 9.57 15.63 23.45
C LYS C 73 8.40 16.16 24.27
N GLN C 74 7.68 17.18 23.75
CA GLN C 74 6.51 17.80 24.38
C GLN C 74 5.38 16.80 24.64
N GLU C 79 1.87 7.20 24.19
CA GLU C 79 1.68 5.92 23.48
C GLU C 79 1.40 6.07 21.99
N ALA C 80 0.79 7.19 21.57
CA ALA C 80 0.47 7.46 20.17
C ALA C 80 1.73 7.82 19.36
N ILE C 81 2.74 8.43 20.02
CA ILE C 81 4.02 8.78 19.41
C ILE C 81 5.00 7.63 19.63
N THR C 82 4.94 7.00 20.82
CA THR C 82 5.77 5.89 21.25
C THR C 82 5.51 4.65 20.37
N GLN C 83 4.22 4.30 20.15
CA GLN C 83 3.81 3.14 19.36
C GLN C 83 3.01 3.57 18.13
N GLU C 84 3.54 3.23 16.96
CA GLU C 84 2.95 3.53 15.65
C GLU C 84 1.56 2.87 15.44
N ILE C 85 1.29 1.71 16.09
CA ILE C 85 -0.01 1.03 15.96
C ILE C 85 -1.11 1.88 16.60
N VAL C 86 -0.78 2.47 17.77
CA VAL C 86 -1.64 3.35 18.57
C VAL C 86 -1.91 4.66 17.82
N GLY C 87 -0.82 5.32 17.36
CA GLY C 87 -0.86 6.56 16.58
C GLY C 87 -1.76 6.42 15.38
N CYS C 88 -1.55 5.33 14.60
CA CYS C 88 -2.36 5.05 13.42
C CYS C 88 -3.84 4.97 13.80
N ALA C 89 -4.18 4.11 14.78
CA ALA C 89 -5.52 3.92 15.31
C ALA C 89 -6.13 5.26 15.73
N HIS C 90 -5.38 6.07 16.49
CA HIS C 90 -5.85 7.39 16.91
C HIS C 90 -6.23 8.26 15.71
N LEU C 91 -5.26 8.54 14.80
CA LEU C 91 -5.51 9.32 13.58
C LEU C 91 -6.60 8.74 12.66
N GLU C 92 -6.66 7.40 12.52
CA GLU C 92 -7.66 6.70 11.70
C GLU C 92 -9.07 6.84 12.28
N ASN C 93 -9.24 6.62 13.60
CA ASN C 93 -10.56 6.72 14.23
C ASN C 93 -11.03 8.17 14.18
N TYR C 94 -10.11 9.11 14.30
CA TYR C 94 -10.40 10.53 14.22
C TYR C 94 -10.98 10.88 12.84
N ALA C 95 -10.22 10.55 11.77
CA ALA C 95 -10.63 10.77 10.38
C ALA C 95 -11.98 10.13 10.05
N LEU C 96 -12.19 8.88 10.54
CA LEU C 96 -13.42 8.13 10.28
C LEU C 96 -14.62 8.68 11.03
N LYS C 97 -14.41 9.22 12.23
CA LYS C 97 -15.48 9.83 13.02
C LYS C 97 -15.90 11.08 12.27
N MET C 98 -14.92 11.87 11.82
CA MET C 98 -15.12 13.09 11.04
C MET C 98 -15.89 12.79 9.74
N PHE C 99 -15.52 11.69 9.04
CA PHE C 99 -16.19 11.26 7.83
C PHE C 99 -17.64 10.96 8.15
N LEU C 100 -17.91 10.09 9.17
CA LEU C 100 -19.26 9.71 9.58
C LEU C 100 -20.13 10.93 9.86
N TYR C 101 -19.56 11.96 10.54
CA TYR C 101 -20.24 13.22 10.82
C TYR C 101 -20.69 13.88 9.54
N ALA C 102 -19.72 14.19 8.64
CA ALA C 102 -19.97 14.88 7.38
C ALA C 102 -20.90 14.09 6.49
N ASP C 103 -20.81 12.75 6.50
CA ASP C 103 -21.68 11.89 5.71
C ASP C 103 -23.11 11.95 6.21
N ASN C 104 -23.30 12.03 7.55
CA ASN C 104 -24.61 12.16 8.20
C ASN C 104 -25.30 13.48 7.79
N GLU C 105 -24.51 14.57 7.75
CA GLU C 105 -24.98 15.89 7.33
C GLU C 105 -25.47 15.83 5.88
N ASP C 106 -24.67 15.20 4.99
CA ASP C 106 -24.95 15.02 3.57
C ASP C 106 -26.24 14.22 3.38
N ARG C 107 -26.36 13.06 4.07
CA ARG C 107 -27.55 12.20 4.02
C ARG C 107 -28.79 12.92 4.57
N ALA C 108 -28.59 13.92 5.45
CA ALA C 108 -29.66 14.71 6.03
C ALA C 108 -29.93 15.99 5.23
N GLY C 109 -29.20 16.17 4.14
CA GLY C 109 -29.35 17.34 3.27
C GLY C 109 -28.92 18.66 3.87
N ARG C 110 -28.13 18.60 4.95
CA ARG C 110 -27.64 19.80 5.62
C ARG C 110 -26.31 20.15 4.99
N PHE C 111 -26.28 21.12 4.09
CA PHE C 111 -25.03 21.49 3.41
C PHE C 111 -24.49 22.80 3.94
N HIS C 112 -23.31 22.73 4.57
CA HIS C 112 -22.67 23.88 5.21
C HIS C 112 -21.13 23.80 5.19
N LYS C 113 -20.45 24.91 5.49
CA LYS C 113 -18.99 24.99 5.47
C LYS C 113 -18.31 23.97 6.40
N ASN C 114 -18.95 23.66 7.55
CA ASN C 114 -18.39 22.73 8.51
C ASN C 114 -18.38 21.29 8.01
N MET C 115 -19.46 20.86 7.33
CA MET C 115 -19.51 19.50 6.79
C MET C 115 -18.60 19.35 5.57
N ILE C 116 -18.39 20.47 4.84
CA ILE C 116 -17.49 20.52 3.69
C ILE C 116 -16.06 20.35 4.22
N LYS C 117 -15.67 21.15 5.25
CA LYS C 117 -14.34 21.08 5.88
C LYS C 117 -14.11 19.68 6.50
N SER C 118 -15.13 19.09 7.15
CA SER C 118 -15.05 17.78 7.75
C SER C 118 -14.79 16.70 6.70
N PHE C 119 -15.40 16.82 5.51
CA PHE C 119 -15.13 15.87 4.43
C PHE C 119 -13.67 16.07 3.98
N TYR C 120 -13.29 17.33 3.69
CA TYR C 120 -11.95 17.66 3.26
C TYR C 120 -10.86 17.23 4.23
N THR C 121 -10.98 17.61 5.53
CA THR C 121 -10.03 17.24 6.59
C THR C 121 -9.90 15.72 6.71
N ALA C 122 -11.04 14.98 6.69
CA ALA C 122 -10.99 13.52 6.77
C ALA C 122 -10.14 12.92 5.65
N SER C 123 -10.32 13.40 4.40
CA SER C 123 -9.54 12.94 3.23
C SER C 123 -8.04 13.22 3.45
N LEU C 124 -7.71 14.41 3.97
CA LEU C 124 -6.35 14.80 4.26
C LEU C 124 -5.74 13.90 5.33
N LEU C 125 -6.55 13.51 6.34
CA LEU C 125 -6.10 12.63 7.41
C LEU C 125 -5.81 11.22 6.92
N ILE C 126 -6.53 10.76 5.88
CA ILE C 126 -6.30 9.44 5.27
C ILE C 126 -4.94 9.46 4.55
N ASP C 127 -4.58 10.61 3.90
CA ASP C 127 -3.28 10.79 3.27
C ASP C 127 -2.22 10.60 4.35
N VAL C 128 -2.39 11.27 5.50
CA VAL C 128 -1.48 11.22 6.64
C VAL C 128 -1.18 9.79 7.09
N ILE C 129 -2.22 8.99 7.31
CA ILE C 129 -2.18 7.57 7.72
C ILE C 129 -1.21 6.71 6.87
N THR C 130 -0.88 7.16 5.62
CA THR C 130 0.08 6.47 4.75
C THR C 130 1.48 6.36 5.38
N VAL C 131 1.82 7.25 6.31
CA VAL C 131 3.11 7.19 7.03
C VAL C 131 3.30 5.87 7.74
N PHE C 132 2.18 5.26 8.20
CA PHE C 132 2.19 3.99 8.89
C PHE C 132 2.26 2.79 7.94
N GLY C 133 1.84 2.98 6.68
CA GLY C 133 1.89 1.93 5.67
C GLY C 133 0.80 2.02 4.62
N GLU C 134 0.55 0.90 3.87
CA GLU C 134 -0.48 0.80 2.82
C GLU C 134 -1.89 1.12 3.34
N LEU C 135 -2.71 1.75 2.54
CA LEU C 135 -4.07 2.03 2.97
C LEU C 135 -4.96 0.83 2.68
N THR C 136 -6.13 0.75 3.34
CA THR C 136 -7.09 -0.30 3.06
C THR C 136 -7.97 0.20 1.94
N ASP C 137 -8.72 -0.72 1.29
CA ASP C 137 -9.62 -0.35 0.19
C ASP C 137 -10.69 0.59 0.71
N GLU C 138 -11.16 0.37 1.96
CA GLU C 138 -12.16 1.19 2.65
C GLU C 138 -11.59 2.61 2.85
N ASN C 139 -10.29 2.71 3.24
CA ASN C 139 -9.63 4.00 3.43
C ASN C 139 -9.53 4.78 2.12
N VAL C 140 -9.19 4.11 1.01
CA VAL C 140 -9.06 4.70 -0.32
C VAL C 140 -10.42 5.20 -0.80
N LYS C 141 -11.48 4.38 -0.62
CA LYS C 141 -12.88 4.68 -0.97
C LYS C 141 -13.36 5.94 -0.25
N HIS C 142 -13.15 6.00 1.09
CA HIS C 142 -13.50 7.14 1.94
C HIS C 142 -12.80 8.41 1.50
N ARG C 143 -11.48 8.33 1.28
CA ARG C 143 -10.70 9.50 0.84
C ARG C 143 -11.24 10.05 -0.48
N LYS C 144 -11.51 9.15 -1.45
CA LYS C 144 -12.03 9.50 -2.77
C LYS C 144 -13.42 10.17 -2.68
N TYR C 145 -14.33 9.60 -1.86
CA TYR C 145 -15.70 10.06 -1.62
C TYR C 145 -15.71 11.40 -0.88
N ALA C 146 -14.93 11.50 0.19
CA ALA C 146 -14.80 12.70 1.01
C ALA C 146 -14.32 13.90 0.18
N ARG C 147 -13.30 13.69 -0.66
CA ARG C 147 -12.73 14.75 -1.50
C ARG C 147 -13.72 15.13 -2.62
N TRP C 148 -14.47 14.15 -3.12
CA TRP C 148 -15.45 14.36 -4.19
C TRP C 148 -16.64 15.17 -3.68
N LYS C 149 -17.21 14.74 -2.51
CA LYS C 149 -18.33 15.38 -1.84
C LYS C 149 -17.98 16.82 -1.47
N ALA C 150 -16.83 17.04 -0.81
CA ALA C 150 -16.37 18.36 -0.42
C ALA C 150 -16.33 19.33 -1.61
N THR C 151 -15.79 18.90 -2.76
CA THR C 151 -15.64 19.67 -4.00
C THR C 151 -16.99 20.04 -4.60
N TYR C 152 -17.83 19.03 -4.85
CA TYR C 152 -19.18 19.12 -5.41
C TYR C 152 -20.02 20.07 -4.57
N ILE C 153 -20.13 19.84 -3.24
CA ILE C 153 -20.89 20.66 -2.30
C ILE C 153 -20.36 22.09 -2.25
N HIS C 154 -19.04 22.27 -2.33
CA HIS C 154 -18.45 23.61 -2.32
C HIS C 154 -18.89 24.43 -3.55
N ASN C 155 -19.02 23.76 -4.72
CA ASN C 155 -19.49 24.38 -5.97
C ASN C 155 -21.02 24.65 -5.91
N CYS C 156 -21.85 23.64 -5.46
CA CYS C 156 -23.31 23.70 -5.27
C CYS C 156 -23.68 24.88 -4.31
N LEU C 157 -22.71 25.28 -3.43
CA LEU C 157 -22.86 26.38 -2.46
C LEU C 157 -22.24 27.72 -2.91
N LYS C 158 -21.34 27.72 -3.92
CA LYS C 158 -20.71 28.94 -4.44
C LYS C 158 -21.44 29.46 -5.69
N ASN C 159 -21.66 28.57 -6.69
CA ASN C 159 -22.36 28.86 -7.96
C ASN C 159 -23.87 29.08 -7.76
N GLY C 160 -24.50 29.71 -8.75
CA GLY C 160 -25.92 30.05 -8.69
C GLY C 160 -26.18 31.30 -7.88
#